data_4N7G
#
_entry.id   4N7G
#
_cell.length_a   105.420
_cell.length_b   105.420
_cell.length_c   114.280
_cell.angle_alpha   90.000
_cell.angle_beta   90.000
_cell.angle_gamma   120.000
#
_symmetry.space_group_name_H-M   'P 31 2 1'
#
loop_
_entity.id
_entity.type
_entity.pdbx_description
1 polymer '14-3-3 protein zeta/delta'
2 polymer 'Exoenzyme S'
3 non-polymer 'HEXAETHYLENE GLYCOL'
4 water water
#
loop_
_entity_poly.entity_id
_entity_poly.type
_entity_poly.pdbx_seq_one_letter_code
_entity_poly.pdbx_strand_id
1 'polypeptide(L)'
;GAMGSMDKNELVQKAKLAEQAERYDDMAACMKSVTEQGAELSNEERNLLSVAYKNVVGARRSSWRVVSSIEQKTEGAEKK
QQMAREYREKIETELRDICNDVLSLLEKFLIPNASQAESKVFYLKMKGDYYRYLAEVAAGDDKKGIVDQSQQAYQEAFEI
SKKEMQPTHPIRLGLALNFSVFYYEILNSPEKACSLAKTAFDEAIAELDTLSEESYKDSTLIMQLLRDNLTLWTS
;
A
2 'polypeptide(L)' QGLLDALDLAS B
#
# COMPACT_ATOMS: atom_id res chain seq x y z
N MET A 6 -13.04 -6.49 23.59
CA MET A 6 -12.14 -5.95 24.66
C MET A 6 -12.00 -4.42 24.52
N ASP A 7 -11.26 -3.83 25.41
CA ASP A 7 -11.13 -2.41 25.47
C ASP A 7 -10.19 -1.84 24.37
N LYS A 8 -10.68 -0.79 23.69
CA LYS A 8 -10.03 -0.21 22.51
C LYS A 8 -8.61 0.20 22.87
N ASN A 9 -8.47 0.83 24.00
CA ASN A 9 -7.21 1.37 24.33
C ASN A 9 -6.11 0.31 24.76
N GLU A 10 -6.57 -0.77 25.34
CA GLU A 10 -5.72 -1.93 25.65
C GLU A 10 -5.22 -2.58 24.34
N LEU A 11 -6.14 -2.71 23.36
CA LEU A 11 -5.92 -3.28 22.05
C LEU A 11 -4.90 -2.45 21.38
N VAL A 12 -5.02 -1.13 21.52
CA VAL A 12 -4.05 -0.23 20.88
C VAL A 12 -2.68 -0.37 21.55
N GLN A 13 -2.68 -0.55 22.87
CA GLN A 13 -1.40 -0.71 23.56
C GLN A 13 -0.76 -2.06 23.13
N LYS A 14 -1.55 -3.12 23.03
CA LYS A 14 -1.04 -4.40 22.56
C LYS A 14 -0.44 -4.22 21.16
N ALA A 15 -1.05 -3.32 20.33
CA ALA A 15 -0.58 -3.14 18.93
C ALA A 15 0.74 -2.49 19.00
N LYS A 16 0.86 -1.51 19.86
CA LYS A 16 2.20 -0.96 19.94
C LYS A 16 3.26 -1.89 20.49
N LEU A 17 2.89 -2.76 21.43
CA LEU A 17 3.91 -3.69 22.01
C LEU A 17 4.30 -4.71 20.83
N ALA A 18 3.26 -5.20 20.10
CA ALA A 18 3.41 -6.10 18.93
C ALA A 18 4.33 -5.45 17.98
N GLU A 19 4.16 -4.14 17.80
CA GLU A 19 5.07 -3.49 16.86
C GLU A 19 6.52 -3.46 17.33
N GLN A 20 6.72 -3.11 18.61
CA GLN A 20 8.10 -3.08 19.13
C GLN A 20 8.67 -4.51 19.09
N ALA A 21 7.83 -5.52 19.28
CA ALA A 21 8.31 -6.89 19.21
C ALA A 21 8.52 -7.36 17.71
N GLU A 22 8.12 -6.53 16.71
CA GLU A 22 8.10 -6.91 15.30
C GLU A 22 7.23 -8.10 15.04
N ARG A 23 6.14 -8.20 15.79
CA ARG A 23 5.17 -9.23 15.54
C ARG A 23 3.95 -8.62 14.85
N TYR A 24 4.06 -8.52 13.51
CA TYR A 24 3.09 -7.74 12.74
C TYR A 24 1.83 -8.45 12.59
N ASP A 25 1.80 -9.78 12.52
CA ASP A 25 0.49 -10.48 12.46
C ASP A 25 -0.33 -10.17 13.73
N ASP A 26 0.32 -10.17 14.91
CA ASP A 26 -0.41 -9.84 16.13
C ASP A 26 -0.93 -8.37 16.05
N MET A 27 -0.06 -7.50 15.59
CA MET A 27 -0.29 -6.09 15.55
C MET A 27 -1.50 -5.82 14.69
N ALA A 28 -1.63 -6.58 13.57
CA ALA A 28 -2.73 -6.40 12.67
C ALA A 28 -3.96 -6.86 13.27
N ALA A 29 -3.88 -8.00 13.97
CA ALA A 29 -5.08 -8.52 14.59
C ALA A 29 -5.62 -7.53 15.68
N CYS A 30 -4.76 -6.91 16.45
CA CYS A 30 -5.25 -5.95 17.38
C CYS A 30 -5.93 -4.75 16.67
N MET A 31 -5.27 -4.21 15.63
CA MET A 31 -5.78 -2.98 14.99
C MET A 31 -7.02 -3.35 14.21
N LYS A 32 -7.10 -4.56 13.68
CA LYS A 32 -8.30 -4.95 12.97
C LYS A 32 -9.48 -4.90 13.95
N SER A 33 -9.27 -5.46 15.12
CA SER A 33 -10.43 -5.51 16.00
C SER A 33 -10.73 -4.12 16.65
N VAL A 34 -9.74 -3.23 16.82
CA VAL A 34 -10.03 -1.81 17.11
C VAL A 34 -10.98 -1.20 16.03
N THR A 35 -10.70 -1.48 14.75
CA THR A 35 -11.42 -0.95 13.63
C THR A 35 -12.85 -1.46 13.64
N GLU A 36 -13.01 -2.71 13.98
CA GLU A 36 -14.28 -3.34 13.91
C GLU A 36 -15.25 -2.91 15.05
N GLN A 37 -14.77 -2.18 16.04
CA GLN A 37 -15.67 -1.56 17.01
C GLN A 37 -16.41 -0.37 16.40
N GLY A 38 -15.94 0.15 15.26
CA GLY A 38 -16.79 0.97 14.45
C GLY A 38 -16.63 2.47 14.65
N ALA A 39 -15.76 2.90 15.54
CA ALA A 39 -15.53 4.31 15.69
C ALA A 39 -14.37 4.68 14.76
N GLU A 40 -14.36 5.94 14.33
CA GLU A 40 -13.30 6.45 13.51
C GLU A 40 -11.93 6.41 14.22
N LEU A 41 -10.85 6.05 13.51
CA LEU A 41 -9.54 5.92 14.09
C LEU A 41 -8.89 7.28 14.12
N SER A 42 -8.15 7.58 15.16
CA SER A 42 -7.35 8.76 15.12
C SER A 42 -6.21 8.47 14.13
N ASN A 43 -5.37 9.45 13.88
CA ASN A 43 -4.21 9.32 13.03
C ASN A 43 -3.21 8.25 13.44
N GLU A 44 -2.98 8.19 14.74
CA GLU A 44 -2.06 7.33 15.33
C GLU A 44 -2.58 5.91 15.08
N GLU A 45 -3.84 5.69 15.34
CA GLU A 45 -4.37 4.40 15.19
C GLU A 45 -4.38 3.96 13.73
N ARG A 46 -4.65 4.90 12.83
CA ARG A 46 -4.71 4.61 11.40
C ARG A 46 -3.31 4.27 10.90
N ASN A 47 -2.31 4.88 11.52
CA ASN A 47 -0.99 4.60 11.18
C ASN A 47 -0.52 3.23 11.67
N LEU A 48 -0.94 2.86 12.87
CA LEU A 48 -0.66 1.60 13.42
C LEU A 48 -1.34 0.47 12.56
N LEU A 49 -2.61 0.63 12.20
CA LEU A 49 -3.26 -0.28 11.35
C LEU A 49 -2.52 -0.52 10.03
N SER A 50 -2.04 0.55 9.46
CA SER A 50 -1.51 0.48 8.15
C SER A 50 -0.12 -0.12 8.21
N VAL A 51 0.67 0.35 9.13
CA VAL A 51 1.97 -0.25 9.40
C VAL A 51 1.85 -1.78 9.67
N ALA A 52 0.87 -2.18 10.45
CA ALA A 52 0.77 -3.55 10.77
C ALA A 52 0.52 -4.30 9.39
N TYR A 53 -0.54 -3.93 8.65
CA TYR A 53 -0.95 -4.73 7.51
C TYR A 53 0.05 -4.60 6.40
N LYS A 54 0.78 -3.52 6.35
CA LYS A 54 1.76 -3.33 5.29
C LYS A 54 2.87 -4.39 5.48
N ASN A 55 3.22 -4.63 6.73
CA ASN A 55 4.24 -5.64 7.09
C ASN A 55 3.75 -7.08 6.94
N VAL A 56 2.54 -7.36 7.34
CA VAL A 56 1.94 -8.63 7.18
C VAL A 56 1.84 -9.00 5.70
N VAL A 57 1.36 -8.09 4.85
CA VAL A 57 1.16 -8.41 3.43
C VAL A 57 2.56 -8.35 2.78
N GLY A 58 3.36 -7.40 3.19
CA GLY A 58 4.71 -7.30 2.65
C GLY A 58 5.62 -8.58 2.78
N ALA A 59 5.52 -9.29 3.91
CA ALA A 59 6.31 -10.50 4.19
C ALA A 59 5.75 -11.53 3.18
N ARG A 60 4.45 -11.64 3.04
CA ARG A 60 3.92 -12.56 2.06
C ARG A 60 4.24 -12.19 0.62
N ARG A 61 4.25 -10.90 0.22
CA ARG A 61 4.54 -10.59 -1.17
C ARG A 61 5.97 -10.99 -1.45
N SER A 62 6.82 -10.74 -0.49
CA SER A 62 8.22 -10.95 -0.74
C SER A 62 8.49 -12.52 -0.79
N SER A 63 7.80 -13.30 0.04
CA SER A 63 7.93 -14.73 0.04
C SER A 63 7.40 -15.27 -1.33
N TRP A 64 6.26 -14.72 -1.75
CA TRP A 64 5.57 -15.07 -2.99
C TRP A 64 6.52 -14.86 -4.15
N ARG A 65 7.25 -13.75 -4.16
CA ARG A 65 8.22 -13.48 -5.23
C ARG A 65 9.33 -14.53 -5.33
N VAL A 66 9.94 -14.87 -4.19
CA VAL A 66 11.06 -15.76 -4.16
C VAL A 66 10.53 -17.13 -4.68
N VAL A 67 9.39 -17.59 -4.19
CA VAL A 67 8.94 -18.86 -4.51
C VAL A 67 8.37 -19.01 -5.97
N SER A 68 7.66 -17.98 -6.48
CA SER A 68 7.17 -17.89 -7.87
C SER A 68 8.38 -18.03 -8.76
N SER A 69 9.42 -17.31 -8.40
CA SER A 69 10.59 -17.34 -9.20
C SER A 69 11.29 -18.75 -9.25
N ILE A 70 11.30 -19.48 -8.12
CA ILE A 70 11.75 -20.85 -8.11
C ILE A 70 10.86 -21.71 -8.97
N GLU A 71 9.56 -21.46 -8.92
CA GLU A 71 8.61 -22.23 -9.64
C GLU A 71 8.81 -22.08 -11.18
N GLN A 72 9.17 -20.87 -11.59
CA GLN A 72 9.50 -20.63 -12.99
C GLN A 72 10.76 -21.34 -13.39
N LYS A 73 11.81 -21.30 -12.58
CA LYS A 73 13.06 -21.91 -12.95
C LYS A 73 12.95 -23.44 -12.92
N THR A 74 11.85 -24.00 -12.48
CA THR A 74 11.79 -25.43 -12.37
C THR A 74 10.90 -26.10 -13.39
N GLU A 75 10.51 -25.35 -14.41
CA GLU A 75 9.90 -25.90 -15.58
C GLU A 75 11.00 -26.60 -16.36
N GLY A 76 10.79 -27.87 -16.70
CA GLY A 76 9.57 -28.59 -16.35
C GLY A 76 9.82 -29.90 -15.62
N ALA A 77 10.60 -29.83 -14.54
CA ALA A 77 10.89 -30.94 -13.71
C ALA A 77 9.63 -31.02 -12.91
N GLU A 78 8.74 -31.87 -13.34
CA GLU A 78 7.40 -31.82 -12.86
C GLU A 78 7.22 -31.90 -11.35
N LYS A 79 7.97 -32.76 -10.70
CA LYS A 79 7.76 -33.00 -9.28
C LYS A 79 8.33 -31.80 -8.46
N LYS A 80 9.47 -31.27 -8.89
CA LYS A 80 10.02 -30.11 -8.20
C LYS A 80 9.11 -28.89 -8.34
N GLN A 81 8.59 -28.70 -9.57
CA GLN A 81 7.77 -27.60 -9.89
C GLN A 81 6.53 -27.77 -9.09
N GLN A 82 6.05 -28.99 -8.90
CA GLN A 82 4.85 -29.06 -8.17
C GLN A 82 5.10 -28.58 -6.71
N MET A 83 6.30 -28.79 -6.20
CA MET A 83 6.60 -28.46 -4.81
C MET A 83 6.59 -26.95 -4.61
N ALA A 84 7.20 -26.26 -5.56
CA ALA A 84 7.26 -24.85 -5.56
C ALA A 84 5.86 -24.23 -5.76
N ARG A 85 5.06 -24.78 -6.69
CA ARG A 85 3.75 -24.28 -7.03
C ARG A 85 2.83 -24.45 -5.85
N GLU A 86 2.81 -25.61 -5.23
CA GLU A 86 1.97 -25.71 -4.08
C GLU A 86 2.36 -24.74 -2.93
N TYR A 87 3.65 -24.50 -2.74
CA TYR A 87 4.08 -23.63 -1.69
C TYR A 87 3.67 -22.18 -2.05
N ARG A 88 3.84 -21.85 -3.31
CA ARG A 88 3.43 -20.59 -3.84
C ARG A 88 1.96 -20.36 -3.63
N GLU A 89 1.14 -21.38 -3.84
CA GLU A 89 -0.26 -21.23 -3.61
C GLU A 89 -0.68 -21.06 -2.14
N LYS A 90 0.02 -21.73 -1.25
CA LYS A 90 -0.20 -21.57 0.19
C LYS A 90 0.13 -20.06 0.50
N ILE A 91 1.27 -19.53 0.06
CA ILE A 91 1.56 -18.16 0.31
C ILE A 91 0.47 -17.23 -0.28
N GLU A 92 0.11 -17.48 -1.53
CA GLU A 92 -0.92 -16.70 -2.21
C GLU A 92 -2.25 -16.80 -1.49
N THR A 93 -2.49 -17.94 -0.84
CA THR A 93 -3.72 -18.16 -0.10
C THR A 93 -3.81 -17.22 1.10
N GLU A 94 -2.67 -16.92 1.71
CA GLU A 94 -2.63 -16.03 2.87
C GLU A 94 -2.70 -14.57 2.38
N LEU A 95 -1.97 -14.31 1.29
CA LEU A 95 -1.93 -13.01 0.67
C LEU A 95 -3.33 -12.55 0.28
N ARG A 96 -4.10 -13.42 -0.33
CA ARG A 96 -5.45 -13.03 -0.68
C ARG A 96 -6.32 -12.81 0.50
N ASP A 97 -6.24 -13.70 1.49
CA ASP A 97 -7.06 -13.51 2.70
C ASP A 97 -6.79 -12.16 3.42
N ILE A 98 -5.53 -11.76 3.46
CA ILE A 98 -5.11 -10.58 4.11
C ILE A 98 -5.64 -9.38 3.28
N CYS A 99 -5.40 -9.36 1.96
CA CYS A 99 -5.95 -8.29 1.09
C CYS A 99 -7.45 -8.22 1.25
N ASN A 100 -8.16 -9.34 1.22
CA ASN A 100 -9.60 -9.30 1.44
C ASN A 100 -10.03 -8.70 2.75
N ASP A 101 -9.35 -9.07 3.80
CA ASP A 101 -9.60 -8.48 5.06
C ASP A 101 -9.39 -6.93 5.09
N VAL A 102 -8.24 -6.47 4.61
CA VAL A 102 -7.96 -5.08 4.58
C VAL A 102 -9.08 -4.34 3.72
N LEU A 103 -9.40 -4.91 2.55
CA LEU A 103 -10.35 -4.30 1.63
C LEU A 103 -11.70 -4.28 2.33
N SER A 104 -12.02 -5.29 3.14
CA SER A 104 -13.34 -5.29 3.79
C SER A 104 -13.36 -4.26 4.90
N LEU A 105 -12.26 -4.11 5.62
CA LEU A 105 -12.19 -3.05 6.62
C LEU A 105 -12.34 -1.65 5.98
N LEU A 106 -11.74 -1.46 4.80
CA LEU A 106 -11.76 -0.23 4.14
C LEU A 106 -13.20 0.09 3.80
N GLU A 107 -13.90 -0.89 3.27
CA GLU A 107 -15.29 -0.70 2.84
C GLU A 107 -16.29 -0.61 3.95
N LYS A 108 -16.15 -1.36 5.02
CA LYS A 108 -17.14 -1.32 6.06
C LYS A 108 -16.93 -0.22 7.04
N PHE A 109 -15.68 0.13 7.31
CA PHE A 109 -15.40 1.05 8.41
C PHE A 109 -14.57 2.27 8.06
N LEU A 110 -13.44 2.08 7.41
CA LEU A 110 -12.49 3.14 7.30
C LEU A 110 -12.88 4.24 6.32
N ILE A 111 -13.27 3.87 5.13
CA ILE A 111 -13.63 4.86 4.11
C ILE A 111 -15.02 5.46 4.48
N PRO A 112 -15.95 4.64 4.97
CA PRO A 112 -17.23 5.18 5.47
C PRO A 112 -17.10 6.26 6.55
N ASN A 113 -16.23 6.05 7.54
CA ASN A 113 -16.10 6.93 8.66
C ASN A 113 -15.20 8.11 8.44
N ALA A 114 -14.53 8.16 7.29
CA ALA A 114 -13.46 9.12 7.21
C ALA A 114 -14.08 10.56 7.21
N SER A 115 -13.66 11.46 8.11
CA SER A 115 -14.41 12.69 8.32
C SER A 115 -13.53 13.85 7.81
N GLN A 116 -12.31 13.59 7.40
CA GLN A 116 -11.47 14.61 6.80
C GLN A 116 -10.78 14.11 5.52
N ALA A 117 -10.30 15.06 4.73
CA ALA A 117 -9.90 14.79 3.31
C ALA A 117 -8.63 13.87 3.37
N GLU A 118 -7.69 14.25 4.21
CA GLU A 118 -6.46 13.61 4.49
C GLU A 118 -6.68 12.10 4.77
N SER A 119 -7.76 11.76 5.50
CA SER A 119 -8.11 10.40 5.81
C SER A 119 -8.70 9.73 4.65
N LYS A 120 -9.60 10.43 3.98
CA LYS A 120 -10.12 9.88 2.77
C LYS A 120 -9.03 9.50 1.77
N VAL A 121 -8.08 10.36 1.58
CA VAL A 121 -7.07 10.12 0.63
C VAL A 121 -6.22 8.92 1.14
N PHE A 122 -5.91 8.89 2.43
CA PHE A 122 -5.00 7.90 2.93
C PHE A 122 -5.71 6.56 2.68
N TYR A 123 -6.98 6.46 3.00
CA TYR A 123 -7.65 5.19 2.85
C TYR A 123 -7.96 4.76 1.43
N LEU A 124 -8.32 5.69 0.57
CA LEU A 124 -8.50 5.32 -0.82
C LEU A 124 -7.18 4.88 -1.42
N LYS A 125 -6.06 5.54 -1.09
CA LYS A 125 -4.74 5.09 -1.49
C LYS A 125 -4.51 3.61 -1.01
N MET A 126 -4.83 3.33 0.25
CA MET A 126 -4.73 1.97 0.77
C MET A 126 -5.52 0.99 -0.11
N LYS A 127 -6.76 1.35 -0.44
CA LYS A 127 -7.61 0.55 -1.27
C LYS A 127 -6.98 0.28 -2.65
N GLY A 128 -6.28 1.26 -3.18
CA GLY A 128 -5.61 1.12 -4.43
C GLY A 128 -4.46 0.10 -4.19
N ASP A 129 -3.74 0.27 -3.08
CA ASP A 129 -2.57 -0.56 -2.79
C ASP A 129 -2.91 -2.04 -2.66
N TYR A 130 -3.99 -2.33 -1.92
CA TYR A 130 -4.38 -3.68 -1.65
C TYR A 130 -4.99 -4.36 -2.87
N TYR A 131 -5.78 -3.65 -3.70
CA TYR A 131 -6.16 -4.21 -4.95
C TYR A 131 -4.96 -4.36 -5.80
N ARG A 132 -4.02 -3.44 -5.78
CA ARG A 132 -2.82 -3.68 -6.50
C ARG A 132 -2.09 -5.01 -6.04
N TYR A 133 -2.10 -5.35 -4.74
CA TYR A 133 -1.32 -6.49 -4.29
C TYR A 133 -2.10 -7.69 -4.83
N LEU A 134 -3.44 -7.69 -4.75
CA LEU A 134 -4.18 -8.72 -5.43
C LEU A 134 -3.84 -8.83 -6.91
N ALA A 135 -3.54 -7.71 -7.56
CA ALA A 135 -3.31 -7.80 -9.00
C ALA A 135 -1.96 -8.51 -9.27
N GLU A 136 -1.03 -8.44 -8.34
CA GLU A 136 0.32 -8.93 -8.55
C GLU A 136 0.40 -10.44 -8.73
N VAL A 137 -0.66 -11.06 -8.24
CA VAL A 137 -0.83 -12.49 -8.12
C VAL A 137 -2.17 -12.94 -8.66
N ALA A 138 -2.81 -12.12 -9.49
CA ALA A 138 -4.17 -12.38 -9.93
C ALA A 138 -4.31 -13.48 -10.98
N ALA A 139 -5.29 -14.37 -10.78
CA ALA A 139 -5.62 -15.38 -11.76
C ALA A 139 -6.28 -14.68 -12.96
N GLY A 140 -5.84 -15.08 -14.14
CA GLY A 140 -6.26 -14.47 -15.38
C GLY A 140 -7.72 -14.06 -15.47
N ASP A 141 -8.62 -14.84 -14.87
CA ASP A 141 -10.05 -14.55 -15.00
C ASP A 141 -10.64 -13.46 -14.08
N ASP A 142 -9.81 -12.90 -13.19
CA ASP A 142 -10.25 -11.86 -12.24
C ASP A 142 -9.36 -10.65 -12.42
N LYS A 143 -8.24 -10.86 -13.08
CA LYS A 143 -7.26 -9.86 -13.12
C LYS A 143 -7.84 -8.50 -13.54
N LYS A 144 -8.63 -8.54 -14.61
CA LYS A 144 -9.11 -7.33 -15.23
C LYS A 144 -9.94 -6.50 -14.17
N GLY A 145 -10.89 -7.12 -13.52
CA GLY A 145 -11.78 -6.51 -12.56
C GLY A 145 -10.94 -5.97 -11.40
N ILE A 146 -9.89 -6.71 -11.01
CA ILE A 146 -9.05 -6.31 -9.90
C ILE A 146 -8.22 -5.08 -10.23
N VAL A 147 -7.67 -5.06 -11.42
CA VAL A 147 -6.87 -3.98 -11.88
C VAL A 147 -7.72 -2.71 -12.03
N ASP A 148 -8.96 -2.84 -12.50
CA ASP A 148 -9.88 -1.72 -12.60
C ASP A 148 -10.20 -1.17 -11.18
N GLN A 149 -10.35 -2.07 -10.22
CA GLN A 149 -10.67 -1.69 -8.84
C GLN A 149 -9.51 -0.93 -8.21
N SER A 150 -8.28 -1.29 -8.57
CA SER A 150 -7.12 -0.62 -8.03
C SER A 150 -7.05 0.78 -8.66
N GLN A 151 -7.28 0.81 -9.96
CA GLN A 151 -6.98 2.07 -10.62
C GLN A 151 -8.04 3.13 -10.27
N GLN A 152 -9.26 2.71 -10.07
CA GLN A 152 -10.27 3.65 -9.73
C GLN A 152 -10.06 4.18 -8.30
N ALA A 153 -9.58 3.33 -7.38
CA ALA A 153 -9.45 3.73 -5.97
C ALA A 153 -8.36 4.71 -6.00
N TYR A 154 -7.27 4.42 -6.69
CA TYR A 154 -6.17 5.35 -6.80
C TYR A 154 -6.59 6.66 -7.43
N GLN A 155 -7.38 6.60 -8.47
CA GLN A 155 -7.68 7.77 -9.23
C GLN A 155 -8.59 8.72 -8.36
N GLU A 156 -9.57 8.11 -7.74
CA GLU A 156 -10.34 8.81 -6.78
C GLU A 156 -9.54 9.43 -5.65
N ALA A 157 -8.55 8.70 -5.09
CA ALA A 157 -7.74 9.27 -4.01
C ALA A 157 -7.05 10.47 -4.61
N PHE A 158 -6.53 10.30 -5.82
CA PHE A 158 -5.56 11.30 -6.40
C PHE A 158 -6.28 12.66 -6.72
N GLU A 159 -7.43 12.59 -7.33
CA GLU A 159 -8.34 13.74 -7.50
C GLU A 159 -8.65 14.44 -6.19
N ILE A 160 -8.97 13.68 -5.13
CA ILE A 160 -9.26 14.36 -3.87
C ILE A 160 -8.03 14.97 -3.41
N SER A 161 -6.87 14.29 -3.58
CA SER A 161 -5.70 14.92 -2.95
C SER A 161 -5.29 16.23 -3.70
N LYS A 162 -5.51 16.24 -5.00
CA LYS A 162 -5.09 17.38 -5.78
C LYS A 162 -5.95 18.64 -5.38
N LYS A 163 -7.26 18.47 -5.07
CA LYS A 163 -8.14 19.53 -4.57
C LYS A 163 -7.91 19.84 -3.11
N GLU A 164 -7.47 18.87 -2.29
CA GLU A 164 -7.46 19.13 -0.85
C GLU A 164 -6.21 19.14 -0.14
N MET A 165 -5.08 18.91 -0.78
CA MET A 165 -3.87 18.79 0.04
C MET A 165 -2.80 19.46 -0.77
N GLN A 166 -1.76 19.87 -0.09
CA GLN A 166 -0.65 20.51 -0.76
C GLN A 166 0.18 19.46 -1.54
N PRO A 167 0.85 19.91 -2.63
CA PRO A 167 1.59 18.96 -3.43
C PRO A 167 2.73 18.33 -2.68
N THR A 168 3.14 18.93 -1.58
CA THR A 168 4.28 18.43 -0.86
C THR A 168 3.79 17.53 0.30
N HIS A 169 2.49 17.40 0.52
CA HIS A 169 2.06 16.52 1.62
C HIS A 169 2.51 15.03 1.38
N PRO A 170 3.17 14.38 2.36
CA PRO A 170 3.70 12.98 2.24
C PRO A 170 2.62 12.03 1.78
N ILE A 171 1.38 12.22 2.24
CA ILE A 171 0.34 11.32 1.84
C ILE A 171 0.09 11.46 0.36
N ARG A 172 0.04 12.71 -0.10
CA ARG A 172 -0.28 12.89 -1.48
C ARG A 172 0.94 12.40 -2.37
N LEU A 173 2.13 12.72 -1.97
CA LEU A 173 3.32 12.25 -2.70
C LEU A 173 3.44 10.70 -2.74
N GLY A 174 3.16 10.07 -1.59
CA GLY A 174 3.23 8.62 -1.42
C GLY A 174 2.20 8.04 -2.33
N LEU A 175 1.06 8.73 -2.42
CA LEU A 175 0.04 8.22 -3.31
C LEU A 175 0.51 8.36 -4.78
N ALA A 176 1.20 9.44 -5.13
CA ALA A 176 1.62 9.66 -6.55
C ALA A 176 2.71 8.52 -6.93
N LEU A 177 3.54 8.22 -5.94
CA LEU A 177 4.55 7.21 -6.04
C LEU A 177 3.88 5.88 -6.27
N ASN A 178 2.95 5.50 -5.43
CA ASN A 178 2.36 4.19 -5.61
C ASN A 178 1.52 4.09 -6.86
N PHE A 179 0.77 5.15 -7.20
CA PHE A 179 -0.11 5.11 -8.38
C PHE A 179 0.87 5.01 -9.62
N SER A 180 1.96 5.75 -9.62
CA SER A 180 2.80 5.66 -10.76
C SER A 180 3.45 4.24 -10.87
N VAL A 181 3.88 3.65 -9.73
CA VAL A 181 4.34 2.22 -9.74
C VAL A 181 3.21 1.32 -10.20
N PHE A 182 1.98 1.58 -9.84
CA PHE A 182 0.94 0.76 -10.39
C PHE A 182 0.90 0.78 -11.93
N TYR A 183 1.19 1.96 -12.52
CA TYR A 183 1.06 2.08 -13.96
C TYR A 183 2.22 1.36 -14.63
N TYR A 184 3.41 1.50 -14.12
CA TYR A 184 4.53 0.75 -14.62
C TYR A 184 4.36 -0.78 -14.47
N GLU A 185 4.32 -1.24 -13.23
CA GLU A 185 4.36 -2.68 -12.90
C GLU A 185 3.09 -3.40 -13.18
N ILE A 186 1.94 -2.80 -13.11
CA ILE A 186 0.71 -3.59 -13.23
C ILE A 186 0.07 -3.35 -14.62
N LEU A 187 0.25 -2.15 -15.15
CA LEU A 187 -0.47 -1.80 -16.36
C LEU A 187 0.57 -1.76 -17.52
N ASN A 188 1.85 -1.89 -17.16
CA ASN A 188 2.91 -1.91 -18.13
C ASN A 188 2.82 -0.63 -19.04
N SER A 189 2.59 0.54 -18.43
CA SER A 189 2.67 1.87 -19.10
C SER A 189 3.69 2.74 -18.53
N PRO A 190 4.93 2.59 -18.95
CA PRO A 190 5.96 3.47 -18.40
C PRO A 190 5.71 4.96 -18.69
N GLU A 191 4.82 5.21 -19.65
CA GLU A 191 4.57 6.55 -20.18
C GLU A 191 3.81 7.37 -19.14
N LYS A 192 2.58 6.91 -19.00
CA LYS A 192 1.71 7.09 -17.89
C LYS A 192 2.39 7.14 -16.54
N ALA A 193 3.29 6.21 -16.26
CA ALA A 193 3.93 6.18 -14.93
C ALA A 193 4.83 7.36 -14.80
N CYS A 194 5.63 7.60 -15.84
CA CYS A 194 6.61 8.74 -15.80
C CYS A 194 5.96 10.12 -15.72
N SER A 195 4.90 10.24 -16.49
CA SER A 195 4.22 11.54 -16.59
C SER A 195 3.53 11.83 -15.18
N LEU A 196 2.88 10.81 -14.61
CA LEU A 196 2.43 10.82 -13.21
C LEU A 196 3.51 11.18 -12.23
N ALA A 197 4.62 10.47 -12.24
CA ALA A 197 5.63 10.77 -11.22
C ALA A 197 6.30 12.08 -11.40
N LYS A 198 6.60 12.39 -12.65
CA LYS A 198 7.39 13.62 -12.97
C LYS A 198 6.45 14.80 -12.57
N THR A 199 5.19 14.66 -12.95
CA THR A 199 4.18 15.67 -12.63
C THR A 199 4.07 15.97 -11.13
N ALA A 200 4.13 14.93 -10.30
CA ALA A 200 3.95 15.12 -8.86
C ALA A 200 5.18 15.68 -8.32
N PHE A 201 6.31 15.28 -8.90
CA PHE A 201 7.57 15.76 -8.37
C PHE A 201 7.68 17.27 -8.71
N ASP A 202 7.27 17.63 -9.94
CA ASP A 202 7.46 19.08 -10.36
C ASP A 202 6.51 19.94 -9.53
N GLU A 203 5.28 19.45 -9.34
CA GLU A 203 4.28 20.19 -8.59
C GLU A 203 4.80 20.44 -7.18
N ALA A 204 5.50 19.47 -6.61
CA ALA A 204 5.98 19.67 -5.23
C ALA A 204 7.15 20.66 -5.22
N ILE A 205 8.01 20.61 -6.22
CA ILE A 205 9.18 21.50 -6.29
C ILE A 205 8.65 22.97 -6.29
N ALA A 206 7.76 23.19 -7.26
CA ALA A 206 7.10 24.46 -7.56
C ALA A 206 6.42 25.10 -6.36
N GLU A 207 6.01 24.28 -5.40
CA GLU A 207 5.44 24.79 -4.18
C GLU A 207 6.56 25.08 -3.24
N LEU A 208 7.41 24.07 -3.04
CA LEU A 208 8.58 24.17 -2.17
C LEU A 208 8.90 25.57 -1.64
N THR A 210 9.52 27.00 2.31
CA THR A 210 8.13 27.05 2.78
C THR A 210 7.97 26.06 3.92
N LEU A 211 8.09 24.78 3.58
CA LEU A 211 7.92 23.71 4.55
C LEU A 211 8.97 23.65 5.65
N SER A 212 8.59 23.11 6.80
CA SER A 212 9.49 22.99 7.93
C SER A 212 10.57 21.92 7.84
N GLU A 213 11.46 21.91 8.82
CA GLU A 213 12.59 20.98 8.79
C GLU A 213 12.42 19.47 8.90
N GLU A 214 11.25 19.02 9.34
CA GLU A 214 10.99 17.61 9.49
C GLU A 214 10.14 17.26 8.31
N SER A 215 8.97 17.87 8.24
CA SER A 215 8.08 17.62 7.13
C SER A 215 8.84 17.85 5.85
N TYR A 216 9.83 18.71 5.93
CA TYR A 216 10.66 18.95 4.75
C TYR A 216 11.45 17.71 4.37
N LYS A 217 11.71 16.85 5.36
CA LYS A 217 12.45 15.62 5.12
C LYS A 217 11.57 14.54 4.52
N ASP A 218 10.44 14.28 5.16
CA ASP A 218 9.50 13.27 4.68
C ASP A 218 9.15 13.50 3.22
N SER A 219 8.84 14.75 2.86
CA SER A 219 8.49 15.10 1.50
C SER A 219 9.68 14.91 0.56
N THR A 220 10.87 15.22 1.06
CA THR A 220 12.09 15.09 0.27
C THR A 220 12.43 13.62 0.03
N LEU A 221 12.22 12.80 1.05
CA LEU A 221 12.50 11.39 0.96
C LEU A 221 11.55 10.83 -0.11
N ILE A 222 10.27 11.17 -0.03
CA ILE A 222 9.42 10.63 -1.06
C ILE A 222 9.73 11.20 -2.46
N MET A 223 10.12 12.45 -2.53
CA MET A 223 10.49 13.01 -3.85
C MET A 223 11.73 12.34 -4.44
N GLN A 224 12.68 12.05 -3.57
CA GLN A 224 13.82 11.21 -3.94
C GLN A 224 13.35 9.88 -4.50
N LEU A 225 12.32 9.27 -3.93
CA LEU A 225 11.91 7.99 -4.53
C LEU A 225 11.31 8.19 -5.90
N LEU A 226 10.65 9.34 -6.11
CA LEU A 226 9.98 9.55 -7.40
C LEU A 226 11.09 9.77 -8.50
N ARG A 227 12.13 10.54 -8.15
CA ARG A 227 13.24 10.85 -9.03
C ARG A 227 13.97 9.56 -9.40
N ASP A 228 14.28 8.75 -8.38
CA ASP A 228 14.87 7.44 -8.55
C ASP A 228 14.13 6.60 -9.50
N ASN A 229 12.82 6.43 -9.30
CA ASN A 229 12.09 5.65 -10.25
C ASN A 229 12.14 6.28 -11.64
N LEU A 230 12.19 7.62 -11.68
CA LEU A 230 12.10 8.33 -12.97
C LEU A 230 13.37 8.02 -13.74
N THR A 231 14.54 8.16 -13.10
CA THR A 231 15.76 7.91 -13.84
C THR A 231 15.73 6.45 -14.26
N LEU A 232 15.45 5.56 -13.34
CA LEU A 232 15.37 4.16 -13.71
C LEU A 232 14.53 3.98 -14.96
N TRP A 233 13.31 4.48 -14.96
CA TRP A 233 12.39 4.09 -16.00
C TRP A 233 12.66 4.68 -17.35
N THR A 234 13.53 5.68 -17.41
CA THR A 234 13.87 6.33 -18.67
C THR A 234 15.21 5.81 -19.20
N SER A 235 15.70 4.74 -18.61
CA SER A 235 16.98 4.16 -19.02
C SER A 235 18.13 5.14 -18.81
N GLN B 1 7.16 9.97 9.56
CA GLN B 1 8.08 8.97 10.24
C GLN B 1 7.38 7.64 10.58
N GLY B 2 6.51 7.70 11.62
CA GLY B 2 5.33 6.84 11.79
C GLY B 2 4.54 6.94 10.46
N LEU B 3 4.36 8.17 9.94
CA LEU B 3 3.58 8.42 8.74
C LEU B 3 4.29 7.84 7.49
N LEU B 4 5.59 8.03 7.37
CA LEU B 4 6.31 7.49 6.23
C LEU B 4 6.17 5.99 6.16
N ASP B 5 6.24 5.35 7.30
CA ASP B 5 6.20 3.93 7.35
C ASP B 5 4.76 3.48 7.07
N ALA B 6 3.78 4.24 7.59
CA ALA B 6 2.43 3.87 7.44
C ALA B 6 2.01 3.99 5.94
N LEU B 7 2.70 4.83 5.17
CA LEU B 7 2.30 5.08 3.79
C LEU B 7 2.69 3.92 2.85
N ASP B 8 3.38 2.90 3.35
CA ASP B 8 3.54 1.62 2.54
C ASP B 8 4.14 1.96 1.14
N LEU B 9 5.21 2.75 1.17
CA LEU B 9 5.74 3.31 -0.03
C LEU B 9 6.23 2.20 -0.99
N ALA B 10 5.88 2.28 -2.28
CA ALA B 10 6.43 1.31 -3.30
C ALA B 10 7.93 1.59 -3.53
N SER B 11 8.67 0.75 -4.21
CA SER B 11 10.17 0.97 -4.19
C SER B 11 10.67 2.25 -4.89
#